data_5AMP
#
_entry.id   5AMP
#
_cell.length_a   42.880
_cell.length_b   90.560
_cell.length_c   55.270
_cell.angle_alpha   90.00
_cell.angle_beta   109.86
_cell.angle_gamma   90.00
#
_symmetry.space_group_name_H-M   'P 1 21 1'
#
loop_
_entity.id
_entity.type
_entity.pdbx_description
1 polymer 'CELLOBIOHYDROLASE I'
2 branched 2-acetamido-2-deoxy-beta-D-glucopyranose-(1-4)-2-acetamido-2-deoxy-beta-D-glucopyranose
3 non-polymer 2-acetamido-2-deoxy-beta-D-glucopyranose
4 non-polymer GLYCEROL
5 non-polymer DI(HYDROXYETHYL)ETHER
6 water water
#
_entity_poly.entity_id   1
_entity_poly.type   'polypeptide(L)'
_entity_poly.pdbx_seq_one_letter_code
;(PCA)QIGTLTTETHPPLTWQTCTSGGSCTTNNGKVVLDANWRWLHSTSGSTNCYTGNTWNTTLCPDDTTCAQNCALDGA
DYEGTYGITASGNSLRLNFVTNGSQKNVGSRTYLMKDDTHYQTFNLLNQEFTFDVDVSGLPCGLNGALYMVPMAADGGVS
NEPNNKAGAQYGVGYCDSQCPRDLKFIAGSANVQGWEPASNSANSGLGGNGSCCAELDIWEANSISAALTPHSADTVTQT
VCNGDDCGGTYSNDRYSGTTDPDGCDFNSYRQGDTSFYGPGKTVDTNSKFTVVTQFLTDSSGNLNEIKRFYVQNGVVIPN
SQSTIAGISGNSITQDYCTAQKQVFGDTNTWEDHGGFQSMTNAFKAGMVLVMSLWDDYYADMLWLDSVAYPTDADPSTPG
VARGTCSTTSGVPSDIESSAASAYVIYSNIKVGPINSTFSGT
;
_entity_poly.pdbx_strand_id   A
#
# COMPACT_ATOMS: atom_id res chain seq x y z
N GLN A 2 -11.15 21.03 4.35
CA GLN A 2 -12.37 21.19 5.12
C GLN A 2 -13.30 20.00 4.97
N ILE A 3 -14.31 19.96 5.83
CA ILE A 3 -15.36 18.95 5.79
C ILE A 3 -16.47 19.41 4.86
N GLY A 4 -16.67 18.69 3.76
CA GLY A 4 -17.78 18.95 2.85
C GLY A 4 -19.10 18.56 3.47
N THR A 5 -20.16 19.28 3.13
CA THR A 5 -21.47 19.07 3.75
C THR A 5 -22.56 18.67 2.76
N LEU A 6 -22.19 18.40 1.51
CA LEU A 6 -23.18 18.12 0.47
C LEU A 6 -23.52 16.63 0.32
N THR A 7 -22.65 15.75 0.82
CA THR A 7 -22.85 14.31 0.68
C THR A 7 -22.41 13.61 1.97
N THR A 8 -23.33 12.89 2.60
CA THR A 8 -23.04 12.16 3.82
C THR A 8 -21.85 11.24 3.63
N GLU A 9 -20.92 11.24 4.58
CA GLU A 9 -19.82 10.30 4.59
C GLU A 9 -20.15 9.19 5.58
N THR A 10 -20.38 7.99 5.05
CA THR A 10 -20.66 6.80 5.85
C THR A 10 -19.61 5.75 5.55
N HIS A 11 -18.86 5.35 6.57
CA HIS A 11 -17.77 4.40 6.42
C HIS A 11 -18.32 2.99 6.43
N PRO A 12 -18.17 2.24 5.32
CA PRO A 12 -18.74 0.88 5.29
C PRO A 12 -18.19 -0.01 6.42
N PRO A 13 -19.09 -0.62 7.21
CA PRO A 13 -18.62 -1.52 8.27
C PRO A 13 -17.82 -2.72 7.75
N LEU A 14 -16.76 -3.06 8.47
CA LEU A 14 -15.94 -4.23 8.17
C LEU A 14 -15.49 -4.85 9.48
N THR A 15 -15.76 -6.14 9.68
CA THR A 15 -15.34 -6.82 10.88
C THR A 15 -13.95 -7.42 10.67
N TRP A 16 -13.19 -7.52 11.76
CA TRP A 16 -11.92 -8.21 11.78
C TRP A 16 -11.72 -8.76 13.20
N GLN A 17 -10.77 -9.67 13.39
CA GLN A 17 -10.67 -10.37 14.66
C GLN A 17 -9.38 -10.16 15.41
N THR A 18 -9.49 -10.21 16.73
CA THR A 18 -8.35 -10.24 17.63
C THR A 18 -8.34 -11.61 18.30
N CYS A 19 -7.20 -12.31 18.19
CA CYS A 19 -7.03 -13.61 18.81
C CYS A 19 -6.02 -13.57 19.94
N THR A 20 -6.14 -14.49 20.89
CA THR A 20 -5.19 -14.63 21.99
C THR A 20 -4.54 -16.01 21.98
N SER A 21 -3.51 -16.19 22.80
CA SER A 21 -2.64 -17.38 22.77
C SER A 21 -3.36 -18.72 22.60
N GLY A 22 -4.47 -18.90 23.29
CA GLY A 22 -5.22 -20.16 23.24
C GLY A 22 -5.81 -20.53 21.89
N GLY A 23 -5.93 -19.56 20.99
CA GLY A 23 -6.56 -19.77 19.69
C GLY A 23 -7.98 -19.24 19.64
N SER A 24 -8.49 -18.74 20.76
CA SER A 24 -9.80 -18.11 20.81
C SER A 24 -9.74 -16.70 20.20
N CYS A 25 -10.75 -16.35 19.42
CA CYS A 25 -10.77 -15.04 18.74
C CYS A 25 -12.11 -14.33 18.95
N THR A 26 -12.06 -13.00 19.10
CA THR A 26 -13.23 -12.15 19.20
C THR A 26 -13.29 -11.18 18.02
N THR A 27 -14.46 -10.63 17.76
CA THR A 27 -14.70 -9.83 16.56
C THR A 27 -14.74 -8.33 16.86
N ASN A 28 -13.98 -7.56 16.08
CA ASN A 28 -13.97 -6.10 16.17
C ASN A 28 -14.88 -5.50 15.09
N ASN A 29 -15.60 -4.45 15.44
CA ASN A 29 -16.44 -3.72 14.48
C ASN A 29 -15.69 -2.53 13.89
N GLY A 30 -14.98 -2.77 12.78
CA GLY A 30 -14.21 -1.73 12.11
C GLY A 30 -15.02 -1.06 11.01
N LYS A 31 -14.41 -0.08 10.35
CA LYS A 31 -15.02 0.62 9.21
C LYS A 31 -13.93 0.96 8.20
N VAL A 32 -14.29 1.07 6.92
N VAL A 32 -14.34 1.12 6.94
CA VAL A 32 -13.31 1.47 5.91
CA VAL A 32 -13.44 1.46 5.84
C VAL A 32 -13.57 2.91 5.45
C VAL A 32 -13.59 2.93 5.45
N VAL A 33 -12.48 3.60 5.15
CA VAL A 33 -12.54 5.00 4.67
C VAL A 33 -11.69 5.21 3.41
N LEU A 34 -12.29 5.90 2.43
CA LEU A 34 -11.63 6.19 1.16
C LEU A 34 -10.60 7.31 1.31
N ASP A 35 -9.42 7.11 0.74
CA ASP A 35 -8.35 8.11 0.76
C ASP A 35 -8.83 9.42 0.10
N ALA A 36 -8.37 10.54 0.65
CA ALA A 36 -8.83 11.87 0.26
C ALA A 36 -8.63 12.22 -1.22
N ASN A 37 -7.58 11.68 -1.84
CA ASN A 37 -7.29 11.98 -3.26
C ASN A 37 -8.39 11.55 -4.24
N TRP A 38 -9.21 10.59 -3.85
CA TRP A 38 -10.25 10.07 -4.74
C TRP A 38 -11.53 10.90 -4.67
N ARG A 39 -11.63 11.79 -3.69
CA ARG A 39 -12.87 12.48 -3.40
C ARG A 39 -13.10 13.73 -4.23
N TRP A 40 -14.37 14.13 -4.30
CA TRP A 40 -14.77 15.43 -4.82
C TRP A 40 -14.24 16.52 -3.88
N LEU A 41 -13.54 17.51 -4.44
CA LEU A 41 -13.00 18.62 -3.66
C LEU A 41 -13.60 19.91 -4.19
N HIS A 42 -14.39 20.58 -3.35
CA HIS A 42 -15.14 21.75 -3.79
C HIS A 42 -15.09 22.89 -2.77
N SER A 43 -15.53 24.07 -3.21
CA SER A 43 -15.55 25.25 -2.37
C SER A 43 -16.40 25.02 -1.13
N THR A 44 -16.01 25.67 -0.04
CA THR A 44 -16.84 25.69 1.16
C THR A 44 -18.11 26.53 0.98
N SER A 45 -18.14 27.38 -0.05
CA SER A 45 -19.27 28.28 -0.31
C SER A 45 -20.31 27.73 -1.27
N GLY A 46 -20.07 26.58 -1.87
CA GLY A 46 -21.01 26.01 -2.84
C GLY A 46 -20.48 24.73 -3.45
N SER A 47 -20.82 24.49 -4.71
CA SER A 47 -20.44 23.25 -5.39
C SER A 47 -19.31 23.42 -6.41
N THR A 48 -18.77 24.63 -6.55
CA THR A 48 -17.63 24.87 -7.46
C THR A 48 -16.42 24.01 -7.07
N ASN A 49 -15.88 23.28 -8.05
CA ASN A 49 -14.72 22.42 -7.84
C ASN A 49 -13.47 23.23 -7.54
N CYS A 50 -12.70 22.78 -6.54
CA CYS A 50 -11.35 23.29 -6.33
C CYS A 50 -10.38 22.59 -7.28
N TYR A 51 -10.77 21.40 -7.74
CA TYR A 51 -9.92 20.55 -8.56
C TYR A 51 -10.81 19.70 -9.47
N THR A 52 -10.42 19.57 -10.72
CA THR A 52 -11.15 18.71 -11.67
C THR A 52 -10.18 17.92 -12.53
N GLY A 53 -10.32 16.60 -12.53
CA GLY A 53 -9.50 15.73 -13.37
C GLY A 53 -8.04 15.72 -12.93
N ASN A 54 -7.27 16.62 -13.53
CA ASN A 54 -5.83 16.75 -13.25
C ASN A 54 -5.41 18.19 -12.95
N THR A 55 -6.38 19.09 -12.78
CA THR A 55 -6.14 20.54 -12.77
C THR A 55 -6.81 21.25 -11.59
N TRP A 56 -6.06 22.12 -10.93
CA TRP A 56 -6.58 22.94 -9.83
C TRP A 56 -7.30 24.19 -10.37
N ASN A 57 -8.27 24.68 -9.62
CA ASN A 57 -8.84 26.00 -9.83
C ASN A 57 -8.01 26.99 -9.03
N THR A 58 -7.29 27.87 -9.73
CA THR A 58 -6.31 28.77 -9.10
C THR A 58 -6.92 30.00 -8.42
N THR A 59 -8.20 30.27 -8.68
CA THR A 59 -8.92 31.29 -7.95
C THR A 59 -9.21 30.81 -6.53
N LEU A 60 -9.74 29.58 -6.43
CA LEU A 60 -9.96 28.94 -5.14
C LEU A 60 -8.65 28.53 -4.48
N CYS A 61 -7.65 28.19 -5.27
CA CYS A 61 -6.37 27.72 -4.74
C CYS A 61 -5.18 28.47 -5.33
N PRO A 62 -4.98 29.74 -4.92
CA PRO A 62 -3.84 30.52 -5.41
C PRO A 62 -2.55 30.20 -4.69
N ASP A 63 -2.64 29.48 -3.56
CA ASP A 63 -1.48 29.04 -2.80
C ASP A 63 -1.90 27.86 -1.92
N ASP A 64 -0.93 27.19 -1.30
CA ASP A 64 -1.20 25.97 -0.54
C ASP A 64 -2.06 26.19 0.71
N THR A 65 -1.91 27.35 1.35
CA THR A 65 -2.63 27.64 2.59
C THR A 65 -4.08 28.03 2.30
N THR A 66 -4.26 29.05 1.47
CA THR A 66 -5.58 29.53 1.08
C THR A 66 -6.44 28.43 0.47
N CYS A 67 -5.82 27.58 -0.37
CA CYS A 67 -6.51 26.42 -0.93
C CYS A 67 -7.10 25.54 0.17
N ALA A 68 -6.28 25.22 1.18
CA ALA A 68 -6.72 24.41 2.32
C ALA A 68 -7.86 25.07 3.09
N GLN A 69 -7.83 26.41 3.18
CA GLN A 69 -8.90 27.16 3.83
C GLN A 69 -10.20 27.13 3.04
N ASN A 70 -10.10 27.15 1.71
CA ASN A 70 -11.25 27.31 0.82
C ASN A 70 -11.93 26.02 0.35
N CYS A 71 -11.25 24.89 0.50
CA CYS A 71 -11.65 23.66 -0.18
C CYS A 71 -12.03 22.54 0.77
N ALA A 72 -13.11 21.85 0.43
CA ALA A 72 -13.70 20.83 1.29
C ALA A 72 -13.77 19.49 0.58
N LEU A 73 -13.42 18.43 1.31
CA LEU A 73 -13.57 17.06 0.82
C LEU A 73 -14.96 16.57 1.19
N ASP A 74 -15.67 15.97 0.25
CA ASP A 74 -17.03 15.53 0.54
C ASP A 74 -17.20 14.02 0.57
N GLY A 75 -18.41 13.58 0.91
CA GLY A 75 -18.70 12.16 1.11
C GLY A 75 -18.67 11.35 -0.18
N ALA A 76 -18.46 10.05 -0.03
CA ALA A 76 -18.25 9.18 -1.18
C ALA A 76 -19.32 8.11 -1.28
N ASP A 77 -19.73 7.82 -2.52
CA ASP A 77 -20.59 6.67 -2.77
C ASP A 77 -19.64 5.50 -3.05
N TYR A 78 -19.40 4.69 -2.03
CA TYR A 78 -18.36 3.67 -2.08
C TYR A 78 -18.58 2.67 -3.20
N GLU A 79 -19.79 2.10 -3.28
CA GLU A 79 -20.10 1.11 -4.32
C GLU A 79 -20.30 1.73 -5.70
N GLY A 80 -21.16 2.75 -5.76
CA GLY A 80 -21.58 3.32 -7.03
C GLY A 80 -20.52 4.10 -7.77
N THR A 81 -19.68 4.83 -7.04
CA THR A 81 -18.62 5.63 -7.67
C THR A 81 -17.28 4.88 -7.73
N TYR A 82 -16.94 4.16 -6.66
CA TYR A 82 -15.58 3.60 -6.54
C TYR A 82 -15.47 2.07 -6.59
N GLY A 83 -16.59 1.35 -6.74
CA GLY A 83 -16.58 -0.11 -6.78
C GLY A 83 -16.03 -0.78 -5.52
N ILE A 84 -16.28 -0.16 -4.38
CA ILE A 84 -15.84 -0.64 -3.08
C ILE A 84 -17.06 -1.15 -2.33
N THR A 85 -17.03 -2.43 -1.96
CA THR A 85 -18.14 -3.02 -1.22
C THR A 85 -17.59 -3.84 -0.07
N ALA A 86 -18.13 -3.60 1.12
CA ALA A 86 -17.75 -4.36 2.31
C ALA A 86 -18.97 -5.11 2.81
N SER A 87 -18.77 -6.39 3.13
CA SER A 87 -19.84 -7.24 3.64
C SER A 87 -19.26 -8.21 4.66
N GLY A 88 -19.74 -8.13 5.90
CA GLY A 88 -19.24 -8.98 6.96
C GLY A 88 -17.76 -8.68 7.20
N ASN A 89 -16.91 -9.69 7.01
CA ASN A 89 -15.46 -9.52 7.15
C ASN A 89 -14.72 -9.36 5.80
N SER A 90 -15.46 -9.06 4.74
CA SER A 90 -14.95 -9.08 3.38
C SER A 90 -14.96 -7.68 2.74
N LEU A 91 -13.82 -7.29 2.17
CA LEU A 91 -13.70 -6.03 1.44
C LEU A 91 -13.32 -6.32 0.00
N ARG A 92 -14.20 -5.94 -0.93
CA ARG A 92 -13.94 -6.08 -2.35
C ARG A 92 -13.65 -4.71 -2.97
N LEU A 93 -12.56 -4.63 -3.73
CA LEU A 93 -12.21 -3.43 -4.49
C LEU A 93 -12.21 -3.74 -5.98
N ASN A 94 -13.02 -3.01 -6.75
CA ASN A 94 -13.00 -3.13 -8.21
C ASN A 94 -11.99 -2.17 -8.83
N PHE A 95 -11.37 -2.62 -9.93
CA PHE A 95 -10.35 -1.84 -10.64
C PHE A 95 -10.94 -0.65 -11.41
N VAL A 96 -12.00 -0.91 -12.17
CA VAL A 96 -12.63 0.13 -12.98
C VAL A 96 -14.14 0.21 -12.68
N THR A 97 -14.61 1.42 -12.37
CA THR A 97 -16.02 1.67 -12.15
C THR A 97 -16.50 2.79 -13.09
N ASN A 98 -17.38 2.41 -14.00
CA ASN A 98 -18.01 3.36 -14.93
C ASN A 98 -19.38 3.74 -14.40
N GLY A 99 -19.40 4.72 -13.50
CA GLY A 99 -20.65 5.32 -13.05
C GLY A 99 -20.92 6.53 -13.92
N SER A 100 -21.27 7.65 -13.30
CA SER A 100 -21.42 8.91 -14.02
C SER A 100 -20.08 9.38 -14.60
N GLN A 101 -18.98 9.00 -13.96
CA GLN A 101 -17.63 9.22 -14.49
C GLN A 101 -16.80 7.95 -14.38
N LYS A 102 -15.60 7.98 -14.96
CA LYS A 102 -14.67 6.86 -14.91
C LYS A 102 -13.81 6.95 -13.66
N ASN A 103 -13.76 5.88 -12.89
CA ASN A 103 -12.84 5.77 -11.75
C ASN A 103 -11.92 4.57 -11.90
N VAL A 104 -10.63 4.77 -11.61
CA VAL A 104 -9.65 3.69 -11.62
C VAL A 104 -9.05 3.49 -10.24
N GLY A 105 -9.23 2.29 -9.69
CA GLY A 105 -8.60 1.89 -8.45
C GLY A 105 -9.15 2.59 -7.22
N SER A 106 -8.55 2.27 -6.07
CA SER A 106 -8.88 2.91 -4.81
C SER A 106 -7.79 2.64 -3.78
N ARG A 107 -7.75 3.49 -2.77
CA ARG A 107 -6.93 3.26 -1.58
C ARG A 107 -7.81 3.53 -0.38
N THR A 108 -7.90 2.56 0.52
CA THR A 108 -8.76 2.65 1.69
C THR A 108 -7.98 2.36 2.97
N TYR A 109 -8.52 2.82 4.10
CA TYR A 109 -7.90 2.62 5.42
C TYR A 109 -8.91 2.05 6.41
N LEU A 110 -8.45 1.17 7.30
CA LEU A 110 -9.30 0.63 8.35
C LEU A 110 -9.42 1.63 9.52
N MET A 111 -10.66 1.87 9.94
CA MET A 111 -10.94 2.82 11.02
C MET A 111 -11.37 2.12 12.32
N LYS A 112 -10.99 2.73 13.44
CA LYS A 112 -11.44 2.32 14.77
C LYS A 112 -12.81 2.95 15.08
N ASP A 113 -12.93 4.26 14.80
CA ASP A 113 -14.20 4.96 14.83
C ASP A 113 -14.20 5.99 13.69
N ASP A 114 -15.26 6.78 13.59
CA ASP A 114 -15.44 7.63 12.41
C ASP A 114 -14.45 8.79 12.27
N THR A 115 -13.63 9.05 13.29
CA THR A 115 -12.61 10.08 13.21
C THR A 115 -11.18 9.61 13.56
N HIS A 116 -10.98 8.30 13.67
CA HIS A 116 -9.67 7.74 13.98
C HIS A 116 -9.40 6.45 13.21
N TYR A 117 -8.25 6.40 12.54
CA TYR A 117 -7.74 5.16 11.98
C TYR A 117 -7.39 4.20 13.09
N GLN A 118 -7.57 2.90 12.86
CA GLN A 118 -7.05 1.86 13.75
C GLN A 118 -5.52 1.82 13.60
N THR A 119 -4.80 1.68 14.72
CA THR A 119 -3.35 1.52 14.65
C THR A 119 -2.92 0.15 15.15
N PHE A 120 -1.83 -0.34 14.60
CA PHE A 120 -1.30 -1.65 14.94
C PHE A 120 0.17 -1.58 15.35
N ASN A 121 0.51 -2.34 16.38
CA ASN A 121 1.88 -2.65 16.73
C ASN A 121 2.00 -4.17 16.72
N LEU A 122 2.60 -4.71 15.67
CA LEU A 122 2.62 -6.16 15.43
C LEU A 122 3.87 -6.88 15.92
N LEU A 123 4.73 -6.18 16.67
CA LEU A 123 5.94 -6.79 17.23
C LEU A 123 5.53 -7.97 18.10
N ASN A 124 6.14 -9.13 17.84
CA ASN A 124 5.78 -10.38 18.50
C ASN A 124 4.32 -10.78 18.26
N GLN A 125 3.76 -10.36 17.11
CA GLN A 125 2.42 -10.76 16.71
C GLN A 125 2.43 -11.21 15.26
N GLU A 126 1.28 -11.69 14.79
CA GLU A 126 1.10 -11.95 13.38
C GLU A 126 -0.16 -11.26 12.87
N PHE A 127 -0.10 -10.88 11.60
CA PHE A 127 -1.24 -10.33 10.87
C PHE A 127 -1.60 -11.33 9.79
N THR A 128 -2.88 -11.71 9.75
CA THR A 128 -3.35 -12.78 8.87
C THR A 128 -4.63 -12.37 8.16
N PHE A 129 -4.77 -12.78 6.90
CA PHE A 129 -5.98 -12.48 6.11
C PHE A 129 -6.14 -13.43 4.93
N ASP A 130 -7.37 -13.52 4.44
CA ASP A 130 -7.66 -14.26 3.21
C ASP A 130 -7.69 -13.29 2.04
N VAL A 131 -7.30 -13.79 0.86
CA VAL A 131 -7.34 -12.97 -0.35
C VAL A 131 -7.69 -13.82 -1.56
N ASP A 132 -8.43 -13.20 -2.48
CA ASP A 132 -8.69 -13.78 -3.79
C ASP A 132 -8.09 -12.83 -4.81
N VAL A 133 -7.04 -13.30 -5.50
CA VAL A 133 -6.37 -12.52 -6.54
C VAL A 133 -6.63 -13.09 -7.95
N SER A 134 -7.54 -14.06 -8.06
CA SER A 134 -7.85 -14.69 -9.34
C SER A 134 -8.29 -13.70 -10.41
N GLY A 135 -8.91 -12.61 -9.99
CA GLY A 135 -9.30 -11.55 -10.91
C GLY A 135 -8.25 -10.48 -11.19
N LEU A 136 -6.99 -10.73 -10.81
CA LEU A 136 -5.91 -9.76 -11.03
C LEU A 136 -4.89 -10.26 -12.06
N PRO A 137 -4.97 -9.76 -13.31
CA PRO A 137 -3.99 -10.12 -14.34
C PRO A 137 -2.73 -9.25 -14.28
N CYS A 138 -1.80 -9.49 -15.21
CA CYS A 138 -0.56 -8.72 -15.30
C CYS A 138 -0.82 -7.23 -15.20
N GLY A 139 0.02 -6.53 -14.44
CA GLY A 139 -0.09 -5.08 -14.31
C GLY A 139 -0.91 -4.54 -13.15
N LEU A 140 -1.65 -5.41 -12.46
N LEU A 140 -1.65 -5.41 -12.47
CA LEU A 140 -2.43 -4.98 -11.31
CA LEU A 140 -2.46 -5.03 -11.30
C LEU A 140 -1.73 -5.29 -10.00
C LEU A 140 -1.71 -5.28 -10.01
N ASN A 141 -2.01 -4.47 -9.00
CA ASN A 141 -1.46 -4.65 -7.67
C ASN A 141 -2.57 -4.48 -6.63
N GLY A 142 -3.01 -5.60 -6.05
CA GLY A 142 -3.84 -5.58 -4.87
C GLY A 142 -2.91 -5.50 -3.66
N ALA A 143 -2.85 -4.32 -3.04
CA ALA A 143 -1.91 -4.09 -1.95
C ALA A 143 -2.61 -3.98 -0.59
N LEU A 144 -2.07 -4.74 0.37
CA LEU A 144 -2.49 -4.65 1.75
C LEU A 144 -1.22 -4.38 2.54
N TYR A 145 -1.16 -3.24 3.21
CA TYR A 145 0.07 -2.77 3.80
C TYR A 145 -0.17 -1.78 4.91
N MET A 146 0.92 -1.38 5.57
CA MET A 146 0.84 -0.48 6.70
C MET A 146 1.80 0.69 6.59
N VAL A 147 1.35 1.86 7.06
CA VAL A 147 2.17 3.08 7.14
C VAL A 147 1.84 3.82 8.44
N PRO A 148 2.86 4.44 9.08
CA PRO A 148 2.61 5.18 10.34
C PRO A 148 1.93 6.54 10.16
N MET A 149 0.71 6.52 9.61
CA MET A 149 -0.11 7.72 9.49
C MET A 149 -0.63 8.09 10.87
N ALA A 150 -0.78 9.39 11.12
CA ALA A 150 -1.36 9.85 12.38
C ALA A 150 -2.79 9.34 12.50
N ALA A 151 -3.14 8.80 13.66
CA ALA A 151 -4.45 8.17 13.88
C ALA A 151 -5.62 9.10 13.57
N ASP A 152 -5.46 10.39 13.88
CA ASP A 152 -6.54 11.36 13.70
C ASP A 152 -6.55 12.03 12.31
N GLY A 153 -5.66 11.61 11.41
CA GLY A 153 -5.53 12.22 10.09
C GLY A 153 -4.78 13.54 10.06
N GLY A 154 -4.14 13.90 11.19
CA GLY A 154 -3.37 15.13 11.28
C GLY A 154 -4.07 16.32 11.92
N VAL A 155 -5.34 16.21 12.27
CA VAL A 155 -6.13 17.38 12.69
C VAL A 155 -5.60 18.07 13.95
N SER A 156 -5.08 17.30 14.91
CA SER A 156 -4.67 17.88 16.22
C SER A 156 -3.64 19.01 16.13
N ASN A 157 -2.78 18.99 15.12
CA ASN A 157 -1.80 20.08 14.98
C ASN A 157 -1.78 20.69 13.58
N GLU A 158 -2.87 20.54 12.83
CA GLU A 158 -3.00 21.12 11.50
C GLU A 158 -4.31 21.91 11.45
N PRO A 159 -4.26 23.21 11.79
CA PRO A 159 -5.45 24.05 11.91
C PRO A 159 -6.37 24.09 10.67
N ASN A 160 -5.79 24.01 9.46
CA ASN A 160 -6.59 23.98 8.23
C ASN A 160 -7.04 22.58 7.79
N ASN A 161 -6.70 21.56 8.58
CA ASN A 161 -7.20 20.20 8.37
C ASN A 161 -8.32 19.86 9.36
N LYS A 162 -9.56 20.02 8.91
CA LYS A 162 -10.74 19.58 9.67
C LYS A 162 -11.24 18.21 9.20
N ALA A 163 -10.99 17.85 7.93
CA ALA A 163 -11.52 16.61 7.35
C ALA A 163 -10.88 15.36 7.96
N GLY A 164 -9.55 15.41 8.12
CA GLY A 164 -8.83 14.37 8.85
C GLY A 164 -9.11 12.94 8.43
N ALA A 165 -9.07 12.03 9.41
CA ALA A 165 -9.22 10.59 9.15
C ALA A 165 -10.60 10.23 8.63
N GLN A 166 -11.61 11.01 9.04
CA GLN A 166 -12.98 10.83 8.56
C GLN A 166 -13.08 10.89 7.03
N TYR A 167 -12.20 11.67 6.38
CA TYR A 167 -12.19 11.77 4.92
C TYR A 167 -10.90 11.23 4.27
N GLY A 168 -10.22 10.36 5.01
CA GLY A 168 -9.06 9.63 4.48
C GLY A 168 -7.85 10.51 4.24
N VAL A 169 -7.68 11.55 5.06
CA VAL A 169 -6.56 12.48 4.93
C VAL A 169 -5.37 11.92 5.70
N GLY A 170 -4.16 12.26 5.24
CA GLY A 170 -2.93 11.98 5.99
C GLY A 170 -1.96 10.96 5.41
N TYR A 171 -2.21 10.49 4.19
CA TYR A 171 -1.38 9.45 3.60
C TYR A 171 0.09 9.87 3.49
N CYS A 172 0.96 8.92 3.78
CA CYS A 172 2.38 9.03 3.52
C CYS A 172 2.88 7.62 3.21
N ASP A 173 3.98 7.52 2.47
CA ASP A 173 4.66 6.23 2.30
C ASP A 173 6.14 6.39 1.90
N SER A 174 6.80 5.27 1.61
N SER A 174 6.81 5.28 1.62
CA SER A 174 8.25 5.25 1.39
CA SER A 174 8.26 5.30 1.41
C SER A 174 8.73 5.85 0.07
C SER A 174 8.73 5.84 0.05
N GLN A 175 7.81 6.16 -0.85
CA GLN A 175 8.15 6.84 -2.10
C GLN A 175 8.07 8.36 -1.96
N CYS A 176 7.67 8.86 -0.79
CA CYS A 176 7.47 10.29 -0.56
C CYS A 176 6.55 10.88 -1.63
N PRO A 177 5.36 10.31 -1.81
CA PRO A 177 4.50 10.66 -2.95
C PRO A 177 4.16 12.15 -3.02
N ARG A 178 4.27 12.71 -4.22
CA ARG A 178 3.94 14.10 -4.49
C ARG A 178 2.62 14.24 -5.28
N ASP A 179 1.91 13.13 -5.49
CA ASP A 179 0.62 13.17 -6.19
C ASP A 179 -0.55 13.50 -5.24
N LEU A 180 -0.26 13.61 -3.95
CA LEU A 180 -1.26 13.96 -2.94
C LEU A 180 -1.66 15.43 -3.03
N LYS A 181 -2.97 15.67 -3.01
CA LYS A 181 -3.52 17.01 -3.08
C LYS A 181 -3.35 17.75 -1.76
N PHE A 182 -3.38 17.00 -0.66
CA PHE A 182 -3.22 17.56 0.69
C PHE A 182 -2.16 16.80 1.48
N ILE A 183 -1.20 17.56 1.99
CA ILE A 183 -0.08 17.01 2.76
C ILE A 183 0.12 17.85 4.01
N ALA A 184 0.03 17.20 5.18
CA ALA A 184 0.25 17.84 6.48
C ALA A 184 -0.53 19.15 6.68
N GLY A 185 -1.77 19.19 6.19
CA GLY A 185 -2.67 20.30 6.46
C GLY A 185 -2.54 21.48 5.51
N SER A 186 -1.83 21.27 4.39
CA SER A 186 -1.75 22.25 3.30
C SER A 186 -2.09 21.56 2.01
N ALA A 187 -2.65 22.31 1.06
CA ALA A 187 -2.82 21.81 -0.30
C ALA A 187 -1.47 21.67 -0.98
N ASN A 188 -1.44 21.03 -2.14
CA ASN A 188 -0.21 20.82 -2.92
C ASN A 188 -0.34 21.44 -4.32
N VAL A 189 -1.16 22.48 -4.44
CA VAL A 189 -1.35 23.20 -5.71
C VAL A 189 -0.07 23.87 -6.23
N GLN A 190 0.77 24.37 -5.33
CA GLN A 190 2.01 25.02 -5.74
C GLN A 190 2.98 24.03 -6.38
N GLY A 191 3.38 24.31 -7.62
CA GLY A 191 4.26 23.42 -8.37
C GLY A 191 3.55 22.28 -9.06
N TRP A 192 2.22 22.28 -9.05
CA TRP A 192 1.45 21.18 -9.62
C TRP A 192 1.54 21.13 -11.13
N GLU A 193 1.82 19.95 -11.68
N GLU A 193 1.84 19.95 -11.66
CA GLU A 193 1.74 19.74 -13.12
CA GLU A 193 1.79 19.67 -13.10
C GLU A 193 0.92 18.47 -13.34
C GLU A 193 0.87 18.46 -13.29
N PRO A 194 -0.04 18.52 -14.27
CA PRO A 194 -0.86 17.32 -14.54
C PRO A 194 0.00 16.18 -15.11
N ALA A 195 -0.38 14.94 -14.82
CA ALA A 195 0.38 13.79 -15.32
C ALA A 195 0.35 13.77 -16.84
N SER A 196 1.41 13.26 -17.45
CA SER A 196 1.49 13.18 -18.91
C SER A 196 0.55 12.10 -19.46
N ASN A 197 0.27 11.08 -18.64
CA ASN A 197 -0.51 9.91 -19.09
C ASN A 197 -1.86 9.75 -18.40
N SER A 198 -1.92 9.99 -17.09
CA SER A 198 -3.11 9.73 -16.29
C SER A 198 -4.03 10.95 -16.20
N ALA A 199 -5.24 10.82 -16.73
CA ALA A 199 -6.21 11.91 -16.76
C ALA A 199 -6.61 12.42 -15.37
N ASN A 200 -6.43 11.60 -14.34
CA ASN A 200 -6.92 11.94 -13.01
C ASN A 200 -5.85 12.20 -11.96
N SER A 201 -4.63 12.52 -12.39
CA SER A 201 -3.56 12.78 -11.44
C SER A 201 -2.51 13.77 -11.91
N GLY A 202 -1.67 14.17 -10.98
CA GLY A 202 -0.53 15.05 -11.25
C GLY A 202 0.48 14.95 -10.12
N LEU A 203 1.45 15.85 -10.12
CA LEU A 203 2.44 15.93 -9.05
C LEU A 203 2.62 17.38 -8.60
N GLY A 204 2.67 17.59 -7.29
CA GLY A 204 2.88 18.90 -6.71
C GLY A 204 4.31 19.11 -6.26
N GLY A 205 4.56 20.29 -5.67
CA GLY A 205 5.89 20.66 -5.21
C GLY A 205 6.42 19.81 -4.08
N ASN A 206 5.52 19.34 -3.21
CA ASN A 206 5.90 18.58 -2.02
C ASN A 206 5.40 17.15 -1.99
N GLY A 207 6.11 16.32 -1.23
CA GLY A 207 5.78 14.91 -1.06
C GLY A 207 5.63 14.52 0.40
N SER A 208 5.01 13.37 0.63
CA SER A 208 4.64 12.92 1.98
C SER A 208 5.39 11.63 2.35
N CYS A 209 6.47 11.78 3.14
CA CYS A 209 7.38 10.67 3.47
C CYS A 209 7.04 9.97 4.79
N CYS A 210 7.09 8.64 4.79
CA CYS A 210 7.16 7.89 6.05
C CYS A 210 7.62 6.46 5.78
N ALA A 211 7.79 5.68 6.84
CA ALA A 211 8.13 4.27 6.71
C ALA A 211 6.92 3.52 6.15
N GLU A 212 7.16 2.31 5.63
CA GLU A 212 6.12 1.54 4.96
C GLU A 212 6.39 0.04 5.07
N LEU A 213 5.39 -0.70 5.54
CA LEU A 213 5.46 -2.16 5.60
C LEU A 213 4.50 -2.74 4.58
N ASP A 214 5.04 -3.18 3.45
CA ASP A 214 4.23 -3.81 2.40
C ASP A 214 4.05 -5.29 2.67
N ILE A 215 3.08 -5.58 3.52
CA ILE A 215 2.75 -6.95 3.91
C ILE A 215 2.40 -7.77 2.67
N TRP A 216 1.68 -7.15 1.73
CA TRP A 216 1.16 -7.85 0.57
C TRP A 216 1.00 -6.93 -0.64
N GLU A 217 1.78 -7.20 -1.69
CA GLU A 217 1.58 -6.59 -2.99
C GLU A 217 1.58 -7.72 -4.00
N ALA A 218 0.47 -7.93 -4.71
CA ALA A 218 0.32 -9.13 -5.53
C ALA A 218 -0.81 -9.10 -6.55
N ASN A 219 -0.67 -9.97 -7.54
CA ASN A 219 -1.72 -10.30 -8.48
C ASN A 219 -1.74 -11.82 -8.64
N SER A 220 -2.44 -12.34 -9.65
CA SER A 220 -2.50 -13.78 -9.88
C SER A 220 -1.15 -14.38 -10.31
N ILE A 221 -0.20 -13.52 -10.70
CA ILE A 221 1.08 -14.00 -11.22
C ILE A 221 2.18 -14.03 -10.14
N SER A 222 2.38 -12.92 -9.45
CA SER A 222 3.45 -12.80 -8.46
C SER A 222 3.02 -12.03 -7.23
N ALA A 223 3.74 -12.25 -6.14
CA ALA A 223 3.51 -11.53 -4.89
C ALA A 223 4.84 -11.15 -4.25
N ALA A 224 4.82 -10.03 -3.51
CA ALA A 224 6.01 -9.55 -2.81
C ALA A 224 5.66 -9.08 -1.40
N LEU A 225 6.55 -9.40 -0.47
CA LEU A 225 6.51 -8.91 0.90
C LEU A 225 7.74 -8.03 1.10
N THR A 226 7.53 -6.76 1.44
CA THR A 226 8.61 -5.78 1.43
C THR A 226 8.49 -4.72 2.53
N PRO A 227 9.29 -4.85 3.61
CA PRO A 227 9.42 -3.70 4.52
C PRO A 227 10.30 -2.60 3.94
N HIS A 228 9.95 -1.35 4.25
CA HIS A 228 10.72 -0.16 3.84
C HIS A 228 11.04 0.70 5.08
N SER A 229 12.31 1.07 5.24
CA SER A 229 12.74 1.89 6.35
C SER A 229 12.64 3.39 6.03
N ALA A 230 12.81 4.23 7.06
CA ALA A 230 12.86 5.68 6.89
C ALA A 230 13.57 6.31 8.08
N ASP A 231 14.25 7.43 7.83
CA ASP A 231 15.02 8.13 8.87
C ASP A 231 14.08 8.52 10.01
N THR A 232 12.96 9.14 9.64
CA THR A 232 11.90 9.45 10.58
C THR A 232 10.67 8.65 10.15
N VAL A 233 10.18 7.79 11.04
CA VAL A 233 9.21 6.78 10.65
C VAL A 233 7.80 7.34 10.40
N THR A 234 7.46 8.44 11.06
CA THR A 234 6.20 9.12 10.83
C THR A 234 6.36 10.18 9.74
N GLN A 235 5.26 10.86 9.42
CA GLN A 235 5.21 11.78 8.27
C GLN A 235 6.22 12.92 8.35
N THR A 236 6.93 13.14 7.25
CA THR A 236 7.72 14.34 7.04
C THR A 236 7.45 14.85 5.62
N VAL A 237 7.54 16.15 5.44
CA VAL A 237 7.30 16.78 4.14
C VAL A 237 8.63 17.02 3.44
N CYS A 238 8.67 16.75 2.13
CA CYS A 238 9.86 16.99 1.32
C CYS A 238 9.49 17.86 0.12
N ASN A 239 10.49 18.47 -0.51
N ASN A 239 10.52 18.45 -0.51
CA ASN A 239 10.26 19.32 -1.68
CA ASN A 239 10.33 19.34 -1.66
C ASN A 239 10.98 18.81 -2.92
C ASN A 239 10.99 18.80 -2.93
N GLY A 240 10.20 18.61 -3.98
CA GLY A 240 10.74 18.28 -5.30
C GLY A 240 11.60 17.02 -5.37
N ASP A 241 12.70 17.11 -6.09
CA ASP A 241 13.56 15.97 -6.37
C ASP A 241 14.31 15.48 -5.14
N ASP A 242 14.51 16.38 -4.17
CA ASP A 242 15.10 15.99 -2.89
C ASP A 242 14.25 14.99 -2.12
N CYS A 243 12.98 14.83 -2.52
CA CYS A 243 12.12 13.79 -1.96
C CYS A 243 12.66 12.39 -2.14
N GLY A 244 13.36 12.15 -3.26
CA GLY A 244 13.72 10.80 -3.67
C GLY A 244 12.47 10.06 -4.13
N GLY A 245 12.60 8.75 -4.32
CA GLY A 245 11.46 7.91 -4.68
C GLY A 245 11.16 7.90 -6.16
N THR A 246 10.04 7.31 -6.54
CA THR A 246 9.76 6.94 -7.93
C THR A 246 9.83 8.11 -8.90
N TYR A 247 9.11 9.19 -8.61
CA TYR A 247 9.04 10.34 -9.53
C TYR A 247 10.11 11.40 -9.29
N SER A 248 11.18 11.03 -8.58
CA SER A 248 12.34 11.90 -8.43
C SER A 248 13.35 11.58 -9.53
N ASN A 249 14.19 12.56 -9.86
CA ASN A 249 15.28 12.34 -10.81
C ASN A 249 16.50 11.68 -10.15
N ASP A 250 16.48 11.57 -8.83
CA ASP A 250 17.53 10.91 -8.07
C ASP A 250 16.86 10.06 -6.98
N ARG A 251 16.48 8.84 -7.38
CA ARG A 251 15.66 7.95 -6.57
C ARG A 251 16.12 7.76 -5.12
N TYR A 252 17.43 7.64 -4.92
CA TYR A 252 17.98 7.28 -3.61
C TYR A 252 18.51 8.47 -2.79
N SER A 253 18.18 9.69 -3.20
CA SER A 253 18.71 10.88 -2.55
C SER A 253 17.90 11.37 -1.34
N GLY A 254 16.76 10.73 -1.07
CA GLY A 254 15.84 11.18 -0.01
C GLY A 254 16.08 10.59 1.37
N THR A 255 15.12 10.80 2.27
CA THR A 255 15.22 10.33 3.66
C THR A 255 14.53 8.99 3.91
N THR A 256 13.97 8.38 2.87
CA THR A 256 13.30 7.07 2.98
C THR A 256 13.91 6.03 2.07
N ASP A 257 13.49 4.78 2.29
CA ASP A 257 13.94 3.64 1.51
C ASP A 257 12.87 3.25 0.48
N PRO A 258 13.09 3.59 -0.80
CA PRO A 258 12.06 3.35 -1.82
C PRO A 258 12.01 1.94 -2.38
N ASP A 259 13.03 1.11 -2.12
CA ASP A 259 13.09 -0.26 -2.66
C ASP A 259 12.69 -1.32 -1.63
N GLY A 260 13.07 -1.10 -0.37
CA GLY A 260 12.75 -2.05 0.70
C GLY A 260 13.59 -3.31 0.63
N CYS A 261 13.36 -4.21 1.59
CA CYS A 261 13.95 -5.56 1.53
C CYS A 261 12.85 -6.54 1.15
N ASP A 262 12.83 -6.93 -0.11
CA ASP A 262 11.70 -7.68 -0.68
C ASP A 262 11.91 -9.18 -0.68
N PHE A 263 10.82 -9.92 -0.49
CA PHE A 263 10.80 -11.36 -0.78
C PHE A 263 9.65 -11.67 -1.74
N ASN A 264 10.01 -11.88 -3.00
CA ASN A 264 9.11 -12.39 -4.04
C ASN A 264 9.63 -13.78 -4.40
N SER A 265 8.83 -14.82 -4.14
CA SER A 265 9.26 -16.21 -4.32
C SER A 265 9.86 -16.50 -5.71
N TYR A 266 9.27 -15.87 -6.72
CA TYR A 266 9.72 -16.00 -8.11
C TYR A 266 11.09 -15.31 -8.30
N ARG A 267 11.19 -14.06 -7.85
CA ARG A 267 12.46 -13.33 -7.88
C ARG A 267 13.56 -14.04 -7.08
N GLN A 268 13.19 -14.74 -6.01
CA GLN A 268 14.14 -15.55 -5.26
C GLN A 268 14.34 -16.96 -5.83
N GLY A 269 13.94 -17.16 -7.09
CA GLY A 269 14.36 -18.32 -7.88
C GLY A 269 13.39 -19.48 -7.98
N ASP A 270 12.23 -19.39 -7.30
CA ASP A 270 11.24 -20.47 -7.29
C ASP A 270 10.03 -20.05 -8.11
N THR A 271 9.96 -20.55 -9.34
CA THR A 271 8.89 -20.22 -10.26
C THR A 271 7.70 -21.17 -10.15
N SER A 272 7.80 -22.18 -9.29
CA SER A 272 6.76 -23.20 -9.15
C SER A 272 5.87 -22.98 -7.93
N PHE A 273 6.18 -21.97 -7.12
CA PHE A 273 5.55 -21.83 -5.81
C PHE A 273 4.24 -21.06 -5.80
N TYR A 274 4.24 -19.87 -6.40
CA TYR A 274 3.08 -18.98 -6.34
C TYR A 274 2.61 -18.59 -7.73
N GLY A 275 1.32 -18.77 -7.99
CA GLY A 275 0.74 -18.47 -9.30
C GLY A 275 -0.40 -19.42 -9.65
N PRO A 276 -0.91 -19.33 -10.90
CA PRO A 276 -2.04 -20.17 -11.33
C PRO A 276 -1.70 -21.66 -11.32
N GLY A 277 -2.45 -22.43 -10.55
CA GLY A 277 -2.22 -23.88 -10.44
C GLY A 277 -0.96 -24.28 -9.70
N LYS A 278 -0.31 -23.34 -9.03
CA LYS A 278 0.96 -23.62 -8.34
C LYS A 278 0.70 -24.01 -6.87
N THR A 279 1.76 -24.18 -6.08
CA THR A 279 1.64 -24.63 -4.68
C THR A 279 0.71 -23.70 -3.90
N VAL A 280 0.88 -22.39 -4.08
CA VAL A 280 -0.13 -21.42 -3.69
C VAL A 280 -0.88 -21.09 -4.98
N ASP A 281 -2.09 -21.64 -5.10
CA ASP A 281 -2.86 -21.60 -6.34
C ASP A 281 -3.73 -20.35 -6.41
N THR A 282 -3.35 -19.41 -7.28
CA THR A 282 -4.03 -18.11 -7.36
C THR A 282 -5.38 -18.16 -8.07
N ASN A 283 -5.76 -19.34 -8.57
CA ASN A 283 -7.12 -19.58 -9.05
C ASN A 283 -8.15 -19.57 -7.92
N SER A 284 -7.69 -19.81 -6.68
CA SER A 284 -8.61 -19.87 -5.54
C SER A 284 -8.14 -19.00 -4.40
N LYS A 285 -9.07 -18.69 -3.51
CA LYS A 285 -8.77 -17.96 -2.28
C LYS A 285 -7.71 -18.70 -1.45
N PHE A 286 -6.87 -17.94 -0.75
CA PHE A 286 -5.91 -18.50 0.19
C PHE A 286 -5.66 -17.55 1.35
N THR A 287 -5.13 -18.10 2.43
CA THR A 287 -4.82 -17.33 3.64
C THR A 287 -3.36 -16.94 3.60
N VAL A 288 -3.06 -15.70 4.00
CA VAL A 288 -1.71 -15.17 4.07
C VAL A 288 -1.39 -14.82 5.51
N VAL A 289 -0.37 -15.47 6.06
CA VAL A 289 0.06 -15.24 7.44
C VAL A 289 1.43 -14.56 7.41
N THR A 290 1.56 -13.46 8.13
CA THR A 290 2.83 -12.73 8.21
C THR A 290 3.17 -12.52 9.69
N GLN A 291 4.29 -13.08 10.13
CA GLN A 291 4.68 -13.07 11.54
C GLN A 291 5.88 -12.17 11.76
N PHE A 292 5.85 -11.41 12.85
CA PHE A 292 6.88 -10.43 13.15
C PHE A 292 7.61 -10.78 14.46
N LEU A 293 8.72 -11.50 14.30
CA LEU A 293 9.46 -12.06 15.43
C LEU A 293 10.45 -11.03 15.96
N THR A 294 10.70 -11.08 17.26
CA THR A 294 11.59 -10.12 17.93
C THR A 294 12.76 -10.78 18.63
N ASP A 295 13.80 -10.00 18.91
CA ASP A 295 14.90 -10.46 19.75
C ASP A 295 14.47 -10.37 21.22
N SER A 296 15.40 -10.63 22.14
CA SER A 296 15.10 -10.67 23.57
C SER A 296 14.68 -9.30 24.12
N SER A 297 15.03 -8.23 23.39
CA SER A 297 14.73 -6.87 23.80
C SER A 297 13.51 -6.25 23.10
N GLY A 298 12.79 -7.07 22.34
CA GLY A 298 11.55 -6.61 21.69
C GLY A 298 11.73 -5.86 20.39
N ASN A 299 12.92 -5.90 19.80
CA ASN A 299 13.15 -5.32 18.47
C ASN A 299 12.89 -6.36 17.40
N LEU A 300 12.33 -5.92 16.28
CA LEU A 300 12.06 -6.82 15.15
C LEU A 300 13.36 -7.40 14.60
N ASN A 301 13.38 -8.71 14.41
CA ASN A 301 14.54 -9.39 13.79
C ASN A 301 14.21 -10.41 12.70
N GLU A 302 12.93 -10.67 12.44
CA GLU A 302 12.53 -11.62 11.40
C GLU A 302 11.06 -11.49 11.05
N ILE A 303 10.77 -11.51 9.76
CA ILE A 303 9.40 -11.60 9.27
C ILE A 303 9.25 -12.92 8.55
N LYS A 304 8.40 -13.80 9.09
CA LYS A 304 8.10 -15.08 8.45
CA LYS A 304 8.11 -15.08 8.46
C LYS A 304 6.76 -15.02 7.73
N ARG A 305 6.61 -15.89 6.74
CA ARG A 305 5.39 -15.97 5.92
C ARG A 305 4.92 -17.43 5.83
N PHE A 306 3.64 -17.65 6.10
CA PHE A 306 2.98 -18.92 5.82
C PHE A 306 1.73 -18.66 5.00
N TYR A 307 1.32 -19.67 4.22
CA TYR A 307 0.07 -19.63 3.50
C TYR A 307 -0.79 -20.78 3.98
N VAL A 308 -2.11 -20.62 3.90
CA VAL A 308 -3.02 -21.75 4.14
C VAL A 308 -4.00 -21.83 2.97
N GLN A 309 -4.05 -22.99 2.34
CA GLN A 309 -5.01 -23.21 1.25
C GLN A 309 -5.46 -24.67 1.25
N ASN A 310 -6.76 -24.87 1.09
CA ASN A 310 -7.31 -26.23 1.01
C ASN A 310 -6.92 -27.05 2.25
N GLY A 311 -6.91 -26.39 3.41
CA GLY A 311 -6.57 -27.04 4.68
C GLY A 311 -5.09 -27.23 4.99
N VAL A 312 -4.20 -26.99 4.03
CA VAL A 312 -2.78 -27.26 4.20
C VAL A 312 -2.01 -26.00 4.56
N VAL A 313 -1.19 -26.08 5.61
CA VAL A 313 -0.29 -25.00 5.98
C VAL A 313 0.98 -25.10 5.14
N ILE A 314 1.25 -24.04 4.39
CA ILE A 314 2.32 -24.03 3.39
C ILE A 314 3.43 -23.06 3.82
N PRO A 315 4.61 -23.58 4.20
CA PRO A 315 5.72 -22.68 4.49
C PRO A 315 6.11 -21.83 3.29
N ASN A 316 6.69 -20.67 3.54
CA ASN A 316 7.20 -19.86 2.45
C ASN A 316 8.32 -20.63 1.73
N SER A 317 8.41 -20.41 0.43
CA SER A 317 9.42 -21.08 -0.38
C SER A 317 10.81 -20.60 -0.01
N GLN A 318 11.77 -21.53 -0.06
CA GLN A 318 13.18 -21.18 0.12
C GLN A 318 13.66 -20.36 -1.07
N SER A 319 14.46 -19.34 -0.79
CA SER A 319 15.20 -18.63 -1.83
C SER A 319 16.26 -19.60 -2.37
N THR A 320 16.27 -19.79 -3.68
CA THR A 320 17.19 -20.73 -4.32
C THR A 320 18.38 -20.05 -5.00
N ILE A 321 18.48 -18.73 -4.86
CA ILE A 321 19.56 -18.00 -5.49
C ILE A 321 20.86 -18.26 -4.73
N ALA A 322 21.91 -18.66 -5.44
CA ALA A 322 23.20 -18.90 -4.79
C ALA A 322 23.64 -17.64 -4.07
N GLY A 323 23.95 -17.79 -2.78
CA GLY A 323 24.31 -16.66 -1.93
C GLY A 323 23.15 -16.01 -1.19
N ILE A 324 21.91 -16.44 -1.47
CA ILE A 324 20.72 -15.92 -0.77
C ILE A 324 19.82 -17.09 -0.38
N SER A 325 20.00 -17.58 0.86
CA SER A 325 19.24 -18.73 1.35
C SER A 325 18.14 -18.32 2.32
N GLY A 326 17.34 -19.30 2.74
CA GLY A 326 16.28 -19.10 3.72
C GLY A 326 14.96 -18.70 3.08
N ASN A 327 13.90 -18.64 3.88
CA ASN A 327 12.55 -18.34 3.39
C ASN A 327 11.88 -17.19 4.15
N SER A 328 12.69 -16.38 4.82
CA SER A 328 12.19 -15.30 5.67
C SER A 328 13.02 -14.05 5.47
N ILE A 329 12.52 -12.94 5.99
CA ILE A 329 13.22 -11.67 5.92
C ILE A 329 13.94 -11.42 7.25
N THR A 330 15.27 -11.43 7.18
CA THR A 330 16.16 -11.19 8.32
C THR A 330 17.25 -10.24 7.84
N GLN A 331 18.11 -9.77 8.75
N GLN A 331 18.08 -9.78 8.76
CA GLN A 331 19.22 -8.90 8.36
CA GLN A 331 19.24 -8.94 8.43
C GLN A 331 20.22 -9.64 7.46
C GLN A 331 20.18 -9.66 7.46
N ASP A 332 20.47 -10.91 7.75
CA ASP A 332 21.34 -11.74 6.91
C ASP A 332 20.81 -11.87 5.47
N TYR A 333 19.51 -12.13 5.34
CA TYR A 333 18.89 -12.23 4.01
C TYR A 333 18.99 -10.91 3.25
N CYS A 334 18.64 -9.81 3.91
CA CYS A 334 18.62 -8.50 3.27
C CYS A 334 20.01 -8.09 2.82
N THR A 335 20.99 -8.27 3.70
CA THR A 335 22.38 -8.00 3.35
C THR A 335 22.79 -8.84 2.14
N ALA A 336 22.55 -10.14 2.22
CA ALA A 336 22.94 -11.05 1.16
C ALA A 336 22.22 -10.74 -0.15
N GLN A 337 20.92 -10.47 -0.09
CA GLN A 337 20.12 -10.27 -1.30
C GLN A 337 20.54 -9.01 -2.05
N LYS A 338 20.77 -7.93 -1.33
CA LYS A 338 21.23 -6.69 -1.94
C LYS A 338 22.61 -6.86 -2.56
N GLN A 339 23.52 -7.52 -1.84
CA GLN A 339 24.88 -7.76 -2.34
C GLN A 339 24.89 -8.62 -3.60
N VAL A 340 24.13 -9.71 -3.59
CA VAL A 340 24.13 -10.67 -4.70
C VAL A 340 23.41 -10.12 -5.94
N PHE A 341 22.26 -9.46 -5.75
CA PHE A 341 21.55 -8.82 -6.86
C PHE A 341 22.24 -7.55 -7.37
N GLY A 342 23.08 -6.93 -6.54
CA GLY A 342 23.74 -5.68 -6.90
C GLY A 342 22.81 -4.49 -6.83
N ASP A 343 21.86 -4.54 -5.89
CA ASP A 343 20.94 -3.43 -5.65
C ASP A 343 21.47 -2.59 -4.48
N THR A 344 21.21 -1.29 -4.51
CA THR A 344 21.63 -0.41 -3.41
C THR A 344 20.80 -0.72 -2.16
N ASN A 345 21.48 -0.94 -1.04
CA ASN A 345 20.80 -1.30 0.21
C ASN A 345 20.29 -0.07 0.96
N THR A 346 19.27 0.58 0.39
CA THR A 346 18.65 1.74 1.04
C THR A 346 17.84 1.32 2.28
N TRP A 347 17.41 0.07 2.29
CA TRP A 347 16.80 -0.55 3.48
C TRP A 347 17.70 -0.36 4.70
N GLU A 348 18.95 -0.80 4.58
CA GLU A 348 19.93 -0.66 5.66
C GLU A 348 20.31 0.81 5.89
N ASP A 349 20.41 1.58 4.80
N ASP A 349 20.39 1.59 4.82
CA ASP A 349 20.80 2.99 4.86
CA ASP A 349 20.83 2.98 4.90
C ASP A 349 19.90 3.84 5.76
C ASP A 349 19.89 3.88 5.72
N HIS A 350 18.61 3.53 5.77
CA HIS A 350 17.63 4.28 6.56
C HIS A 350 17.16 3.58 7.84
N GLY A 351 17.94 2.60 8.33
CA GLY A 351 17.72 2.02 9.66
C GLY A 351 17.26 0.58 9.71
N GLY A 352 16.83 0.04 8.58
CA GLY A 352 16.49 -1.37 8.48
C GLY A 352 15.49 -1.86 9.52
N PHE A 353 15.87 -2.89 10.27
CA PHE A 353 14.96 -3.53 11.22
C PHE A 353 14.61 -2.63 12.40
N GLN A 354 15.57 -1.84 12.87
CA GLN A 354 15.31 -0.88 13.93
C GLN A 354 14.31 0.19 13.48
N SER A 355 14.38 0.60 12.21
CA SER A 355 13.42 1.56 11.68
C SER A 355 12.00 0.98 11.70
N MET A 356 11.86 -0.27 11.30
CA MET A 356 10.54 -0.90 11.26
C MET A 356 9.99 -1.12 12.67
N THR A 357 10.89 -1.45 13.61
CA THR A 357 10.54 -1.55 15.03
C THR A 357 9.97 -0.23 15.53
N ASN A 358 10.65 0.86 15.21
CA ASN A 358 10.16 2.20 15.55
C ASN A 358 8.83 2.54 14.88
N ALA A 359 8.65 2.10 13.64
CA ALA A 359 7.37 2.29 12.93
C ALA A 359 6.20 1.62 13.67
N PHE A 360 6.41 0.39 14.15
CA PHE A 360 5.38 -0.34 14.89
C PHE A 360 5.07 0.31 16.24
N LYS A 361 6.10 0.78 16.94
CA LYS A 361 5.91 1.46 18.22
C LYS A 361 5.15 2.78 18.08
N ALA A 362 5.37 3.48 16.97
CA ALA A 362 4.59 4.67 16.64
C ALA A 362 3.12 4.34 16.33
N GLY A 363 2.88 3.14 15.79
CA GLY A 363 1.54 2.69 15.44
C GLY A 363 1.33 2.80 13.93
N MET A 364 0.98 1.67 13.31
N MET A 364 0.99 1.70 13.28
CA MET A 364 0.76 1.56 11.87
CA MET A 364 0.81 1.74 11.83
C MET A 364 -0.71 1.59 11.52
C MET A 364 -0.65 1.51 11.44
N VAL A 365 -1.08 2.26 10.44
CA VAL A 365 -2.45 2.24 9.93
C VAL A 365 -2.53 1.22 8.80
N LEU A 366 -3.61 0.43 8.77
CA LEU A 366 -3.79 -0.59 7.74
C LEU A 366 -4.39 0.02 6.48
N VAL A 367 -3.72 -0.23 5.35
CA VAL A 367 -4.10 0.27 4.04
C VAL A 367 -4.46 -0.91 3.14
N MET A 368 -5.56 -0.78 2.40
CA MET A 368 -5.98 -1.80 1.43
C MET A 368 -6.35 -1.11 0.12
N SER A 369 -5.64 -1.48 -0.94
CA SER A 369 -5.74 -0.76 -2.19
C SER A 369 -5.69 -1.68 -3.40
N LEU A 370 -5.98 -1.08 -4.56
CA LEU A 370 -5.90 -1.76 -5.84
C LEU A 370 -5.51 -0.69 -6.86
N TRP A 371 -4.41 -0.88 -7.56
CA TRP A 371 -3.92 0.14 -8.48
C TRP A 371 -3.17 -0.44 -9.67
N ASP A 372 -3.06 0.38 -10.71
CA ASP A 372 -2.12 0.13 -11.79
C ASP A 372 -1.02 1.16 -11.69
N ASP A 373 0.06 0.93 -12.45
CA ASP A 373 1.32 1.63 -12.23
C ASP A 373 1.70 2.42 -13.49
N TYR A 374 1.50 3.73 -13.45
CA TYR A 374 1.86 4.62 -14.56
C TYR A 374 3.38 4.83 -14.72
N TYR A 375 4.15 4.50 -13.69
CA TYR A 375 5.61 4.65 -13.76
C TYR A 375 6.32 3.46 -14.41
N ALA A 376 6.02 2.24 -13.95
CA ALA A 376 6.76 1.04 -14.40
C ALA A 376 5.87 -0.13 -14.82
N ASP A 377 4.57 0.09 -14.96
CA ASP A 377 3.63 -0.93 -15.43
C ASP A 377 3.62 -2.21 -14.57
N MET A 378 4.00 -2.07 -13.31
CA MET A 378 4.05 -3.17 -12.34
C MET A 378 5.04 -4.28 -12.74
N LEU A 379 5.98 -3.94 -13.62
CA LEU A 379 6.96 -4.89 -14.12
C LEU A 379 7.93 -5.33 -13.03
N TRP A 380 8.20 -4.42 -12.09
CA TRP A 380 8.98 -4.76 -10.89
C TRP A 380 8.41 -5.94 -10.10
N LEU A 381 7.09 -6.12 -10.16
CA LEU A 381 6.38 -7.18 -9.45
C LEU A 381 6.28 -8.49 -10.25
N ASP A 382 5.97 -8.38 -11.54
CA ASP A 382 5.54 -9.57 -12.32
C ASP A 382 6.21 -9.82 -13.69
N SER A 383 7.20 -9.01 -14.06
CA SER A 383 7.82 -9.11 -15.38
C SER A 383 8.87 -10.22 -15.48
N VAL A 384 9.01 -10.77 -16.69
CA VAL A 384 10.10 -11.70 -17.01
C VAL A 384 11.46 -11.03 -16.84
N ALA A 385 11.50 -9.71 -17.01
CA ALA A 385 12.72 -8.94 -16.76
C ALA A 385 12.39 -7.51 -16.30
N TYR A 386 13.01 -7.10 -15.19
CA TYR A 386 13.00 -5.71 -14.78
C TYR A 386 14.39 -5.35 -14.28
N PRO A 387 15.04 -4.31 -14.84
CA PRO A 387 14.55 -3.54 -15.97
C PRO A 387 14.31 -4.40 -17.21
N THR A 388 13.50 -3.91 -18.13
CA THR A 388 13.07 -4.69 -19.29
C THR A 388 14.20 -5.01 -20.26
N ASP A 389 15.29 -4.24 -20.19
CA ASP A 389 16.46 -4.47 -21.03
C ASP A 389 17.59 -5.23 -20.31
N ALA A 390 17.34 -5.66 -19.07
CA ALA A 390 18.34 -6.41 -18.31
C ALA A 390 18.34 -7.87 -18.74
N ASP A 391 19.43 -8.56 -18.46
CA ASP A 391 19.59 -9.96 -18.85
C ASP A 391 18.83 -10.86 -17.88
N PRO A 392 17.85 -11.65 -18.38
CA PRO A 392 17.10 -12.54 -17.47
C PRO A 392 17.95 -13.65 -16.83
N SER A 393 19.15 -13.91 -17.35
CA SER A 393 20.10 -14.81 -16.69
C SER A 393 20.66 -14.25 -15.37
N THR A 394 20.63 -12.94 -15.20
CA THR A 394 21.18 -12.31 -14.00
C THR A 394 20.19 -12.43 -12.86
N PRO A 395 20.62 -12.99 -11.71
CA PRO A 395 19.72 -13.11 -10.55
C PRO A 395 19.13 -11.77 -10.13
N GLY A 396 17.83 -11.75 -9.81
CA GLY A 396 17.14 -10.54 -9.39
C GLY A 396 16.36 -9.84 -10.50
N VAL A 397 16.69 -10.15 -11.76
CA VAL A 397 16.04 -9.51 -12.91
C VAL A 397 14.62 -10.04 -13.12
N ALA A 398 14.46 -11.36 -13.12
CA ALA A 398 13.15 -11.98 -13.34
C ALA A 398 12.30 -11.94 -12.08
N ARG A 399 11.05 -11.47 -12.23
CA ARG A 399 10.10 -11.38 -11.11
C ARG A 399 8.77 -12.10 -11.34
N GLY A 400 8.50 -12.50 -12.59
CA GLY A 400 7.25 -13.17 -12.92
C GLY A 400 7.18 -13.58 -14.38
N THR A 401 5.99 -13.99 -14.82
CA THR A 401 5.78 -14.52 -16.17
C THR A 401 5.26 -13.49 -17.17
N CYS A 402 5.02 -12.26 -16.73
CA CYS A 402 4.41 -11.24 -17.59
C CYS A 402 5.44 -10.67 -18.56
N SER A 403 5.00 -10.33 -19.77
CA SER A 403 5.87 -9.78 -20.79
C SER A 403 6.32 -8.37 -20.42
N THR A 404 7.40 -7.91 -21.06
CA THR A 404 7.94 -6.57 -20.80
C THR A 404 7.07 -5.45 -21.36
N THR A 405 6.07 -5.80 -22.17
CA THR A 405 5.12 -4.84 -22.70
C THR A 405 3.75 -4.94 -22.01
N SER A 406 3.67 -5.74 -20.95
CA SER A 406 2.44 -5.90 -20.20
C SER A 406 2.20 -4.72 -19.25
N GLY A 407 0.96 -4.62 -18.76
CA GLY A 407 0.63 -3.72 -17.66
C GLY A 407 0.55 -2.24 -17.97
N VAL A 408 0.52 -1.85 -19.24
CA VAL A 408 0.41 -0.43 -19.59
C VAL A 408 -1.02 0.01 -19.24
N PRO A 409 -1.17 1.06 -18.41
CA PRO A 409 -2.50 1.48 -17.96
C PRO A 409 -3.51 1.73 -19.07
N SER A 410 -3.14 2.42 -20.14
CA SER A 410 -4.09 2.69 -21.24
C SER A 410 -4.58 1.39 -21.89
N ASP A 411 -3.73 0.36 -21.91
CA ASP A 411 -4.13 -0.99 -22.32
C ASP A 411 -5.03 -1.68 -21.30
N ILE A 412 -4.53 -1.87 -20.07
CA ILE A 412 -5.21 -2.73 -19.09
C ILE A 412 -6.47 -2.12 -18.46
N GLU A 413 -6.54 -0.79 -18.38
CA GLU A 413 -7.78 -0.17 -17.91
C GLU A 413 -8.97 -0.49 -18.82
N SER A 414 -8.70 -0.92 -20.05
CA SER A 414 -9.70 -1.45 -20.96
C SER A 414 -9.77 -2.98 -20.91
N SER A 415 -8.65 -3.64 -21.17
CA SER A 415 -8.60 -5.11 -21.26
C SER A 415 -8.83 -5.84 -19.93
N ALA A 416 -8.48 -5.20 -18.81
CA ALA A 416 -8.68 -5.77 -17.49
C ALA A 416 -9.72 -4.97 -16.69
N ALA A 417 -10.72 -4.41 -17.37
CA ALA A 417 -11.74 -3.59 -16.73
C ALA A 417 -12.57 -4.33 -15.68
N SER A 418 -12.66 -5.66 -15.79
CA SER A 418 -13.43 -6.46 -14.84
CA SER A 418 -13.42 -6.48 -14.85
C SER A 418 -12.62 -6.87 -13.59
N ALA A 419 -11.34 -6.50 -13.56
CA ALA A 419 -10.46 -6.90 -12.48
C ALA A 419 -10.91 -6.42 -11.09
N TYR A 420 -10.62 -7.22 -10.08
CA TYR A 420 -10.96 -6.92 -8.69
C TYR A 420 -10.10 -7.72 -7.73
N VAL A 421 -10.11 -7.33 -6.46
CA VAL A 421 -9.48 -8.08 -5.38
C VAL A 421 -10.44 -8.16 -4.19
N ILE A 422 -10.37 -9.26 -3.43
CA ILE A 422 -11.17 -9.41 -2.21
C ILE A 422 -10.27 -9.78 -1.03
N TYR A 423 -10.19 -8.87 -0.04
CA TYR A 423 -9.50 -9.14 1.21
C TYR A 423 -10.56 -9.52 2.24
N SER A 424 -10.30 -10.55 3.03
CA SER A 424 -11.32 -11.01 3.97
C SER A 424 -10.73 -11.71 5.18
N ASN A 425 -11.52 -11.74 6.26
CA ASN A 425 -11.20 -12.52 7.44
C ASN A 425 -9.87 -12.14 8.07
N ILE A 426 -9.70 -10.84 8.30
CA ILE A 426 -8.51 -10.32 8.96
C ILE A 426 -8.47 -10.78 10.41
N LYS A 427 -7.31 -11.29 10.83
N LYS A 427 -7.31 -11.31 10.81
CA LYS A 427 -7.09 -11.79 12.19
CA LYS A 427 -7.08 -11.78 12.19
C LYS A 427 -5.71 -11.37 12.67
C LYS A 427 -5.71 -11.31 12.65
N VAL A 428 -5.64 -10.84 13.89
CA VAL A 428 -4.40 -10.38 14.50
C VAL A 428 -4.28 -10.98 15.90
N GLY A 429 -3.08 -11.40 16.29
CA GLY A 429 -2.84 -11.96 17.61
C GLY A 429 -1.41 -12.43 17.78
N PRO A 430 -1.11 -13.10 18.91
CA PRO A 430 0.23 -13.67 19.11
C PRO A 430 0.60 -14.69 18.03
N ILE A 431 1.88 -15.01 17.94
CA ILE A 431 2.38 -15.96 16.93
C ILE A 431 1.61 -17.27 17.02
N ASN A 432 1.15 -17.76 15.87
CA ASN A 432 0.36 -18.99 15.75
C ASN A 432 -1.04 -19.01 16.37
N SER A 433 -1.57 -17.87 16.76
CA SER A 433 -2.94 -17.79 17.32
C SER A 433 -4.03 -17.63 16.25
N THR A 434 -3.66 -17.22 15.03
CA THR A 434 -4.64 -16.82 14.01
C THR A 434 -4.92 -17.85 12.92
N PHE A 435 -4.27 -19.00 12.97
CA PHE A 435 -4.47 -19.99 11.91
C PHE A 435 -4.20 -21.40 12.39
N SER A 436 -4.64 -22.34 11.58
CA SER A 436 -4.43 -23.76 11.79
C SER A 436 -4.58 -24.49 10.47
N GLY A 437 -4.10 -25.73 10.43
CA GLY A 437 -4.20 -26.57 9.24
C GLY A 437 -3.24 -27.74 9.32
N THR A 438 -3.33 -28.62 8.34
CA THR A 438 -2.47 -29.81 8.28
C THR A 438 -1.09 -29.45 7.69
#